data_2WJP
#
_entry.id   2WJP
#
_cell.length_a   65.917
_cell.length_b   65.917
_cell.length_c   136.063
_cell.angle_alpha   90.00
_cell.angle_beta   90.00
_cell.angle_gamma   90.00
#
_symmetry.space_group_name_H-M   'P 41'
#
loop_
_entity.id
_entity.type
_entity.pdbx_description
1 polymer 'UDP-N-ACETYLMURAMOYLALANINE--D-GLUTAMATE LIGASE'
2 non-polymer 'N-({3-[({4-[(Z)-(4-oxo-2-thioxo-1,3-thiazolidin-5-ylidene)methyl]phenyl}amino)methyl]phenyl}carbonyl)-L-glutamic acid'
3 non-polymer 'DIMETHYL SULFOXIDE'
4 non-polymer 'AZIDE ION'
5 non-polymer 'SULFATE ION'
6 non-polymer 'CHLORIDE ION'
7 water water
#
_entity_poly.entity_id   1
_entity_poly.type   'polypeptide(L)'
_entity_poly.pdbx_seq_one_letter_code
;ADYQGKNVVIIGLGLTGLSCVDFFLARGVTPRVMDTRMTPPGLDKLPEAVERHTGSLNDEWLMAADLIVASPGIALAHPS
LSAAADAGIEIVGDIELFCREAQAPIVAITGSNGKSTVTTLVGEMAKAAGVNVGVGGNIGLPALMLLDDECELYVLELSS
FQLETTSSLQAVAATILNVTEDHMDRYPFGLQQYRAA(KCX)LRIYENAKVCVVNADDALTMPIRGADERCVSFGVNMGD
YHLNHQQGETWLRVKGEKVLNVKEMKLSGQHNYTNALAALALADAAGLPRASSLKALTTFTGLPHRFEVVLEHNGVRWIN
DSKATNVGSTEAALNGLHVDGTLHLLLGGDGKSADFSPLARYLNGDNVRLYCFGRDGAQLAALRPEVAEQTETMEQAMRL
LAPRVQPGDMVLLSPACASLDQFKNFEQRGNEFARLAKELGSH
;
_entity_poly.pdbx_strand_id   A
#
# COMPACT_ATOMS: atom_id res chain seq x y z
N ALA A 1 -2.62 -16.00 -23.85
CA ALA A 1 -3.42 -17.07 -23.20
C ALA A 1 -4.71 -17.29 -23.98
N ASP A 2 -5.25 -18.50 -23.93
CA ASP A 2 -6.52 -18.77 -24.61
C ASP A 2 -7.57 -19.29 -23.62
N TYR A 3 -8.60 -18.49 -23.36
CA TYR A 3 -9.61 -18.84 -22.35
C TYR A 3 -10.88 -19.40 -22.98
N GLN A 4 -10.89 -19.51 -24.31
CA GLN A 4 -12.08 -19.97 -25.01
C GLN A 4 -12.56 -21.31 -24.52
N GLY A 5 -13.86 -21.37 -24.20
CA GLY A 5 -14.49 -22.62 -23.77
C GLY A 5 -14.21 -23.07 -22.35
N LYS A 6 -13.47 -22.24 -21.60
CA LYS A 6 -13.19 -22.53 -20.20
C LYS A 6 -14.34 -22.14 -19.26
N ASN A 7 -14.48 -22.94 -18.20
CA ASN A 7 -15.33 -22.61 -17.06
CA ASN A 7 -15.34 -22.55 -17.09
C ASN A 7 -14.50 -21.80 -16.07
N VAL A 8 -14.77 -20.51 -15.99
CA VAL A 8 -13.94 -19.60 -15.20
C VAL A 8 -14.78 -19.14 -14.00
N VAL A 9 -14.20 -19.17 -12.80
CA VAL A 9 -14.89 -18.70 -11.60
C VAL A 9 -14.05 -17.58 -11.01
N ILE A 10 -14.70 -16.43 -10.77
CA ILE A 10 -14.06 -15.27 -10.14
C ILE A 10 -14.53 -15.20 -8.68
N ILE A 11 -13.57 -15.20 -7.75
CA ILE A 11 -13.90 -15.09 -6.32
C ILE A 11 -13.56 -13.69 -5.83
N GLY A 12 -14.59 -12.95 -5.41
CA GLY A 12 -14.42 -11.59 -4.87
C GLY A 12 -14.85 -10.56 -5.91
N LEU A 13 -15.77 -9.70 -5.54
CA LEU A 13 -16.28 -8.71 -6.48
C LEU A 13 -15.52 -7.39 -6.24
N GLY A 14 -16.22 -6.30 -5.95
CA GLY A 14 -15.53 -5.01 -5.93
C GLY A 14 -15.06 -4.56 -7.31
N LEU A 15 -14.36 -3.44 -7.35
CA LEU A 15 -13.88 -2.87 -8.62
C LEU A 15 -12.95 -3.85 -9.33
N THR A 16 -12.08 -4.51 -8.57
CA THR A 16 -11.12 -5.43 -9.17
C THR A 16 -11.77 -6.72 -9.68
N GLY A 17 -12.74 -7.22 -8.92
CA GLY A 17 -13.53 -8.35 -9.38
C GLY A 17 -14.29 -7.98 -10.64
N LEU A 18 -14.90 -6.79 -10.65
CA LEU A 18 -15.61 -6.34 -11.85
C LEU A 18 -14.68 -6.21 -13.06
N SER A 19 -13.44 -5.80 -12.83
CA SER A 19 -12.51 -5.68 -13.96
C SER A 19 -12.22 -7.06 -14.53
N CYS A 20 -12.17 -8.09 -13.65
CA CYS A 20 -12.01 -9.48 -14.12
C CYS A 20 -13.21 -9.97 -14.94
N VAL A 21 -14.42 -9.68 -14.46
CA VAL A 21 -15.64 -10.04 -15.18
C VAL A 21 -15.62 -9.43 -16.58
N ASP A 22 -15.31 -8.14 -16.64
CA ASP A 22 -15.29 -7.42 -17.92
C ASP A 22 -14.20 -7.97 -18.85
N PHE A 23 -13.05 -8.33 -18.28
CA PHE A 23 -11.96 -8.90 -19.07
C PHE A 23 -12.38 -10.16 -19.81
N PHE A 24 -13.06 -11.07 -19.10
CA PHE A 24 -13.49 -12.30 -19.71
C PHE A 24 -14.65 -12.07 -20.69
N LEU A 25 -15.62 -11.24 -20.32
CA LEU A 25 -16.76 -11.00 -21.22
C LEU A 25 -16.29 -10.41 -22.56
N ALA A 26 -15.31 -9.51 -22.53
CA ALA A 26 -14.82 -8.87 -23.77
C ALA A 26 -14.11 -9.88 -24.67
N ARG A 27 -13.78 -11.02 -24.11
CA ARG A 27 -13.12 -12.08 -24.87
CA ARG A 27 -13.10 -12.12 -24.79
C ARG A 27 -14.08 -13.21 -25.20
N GLY A 28 -15.37 -12.98 -24.95
CA GLY A 28 -16.41 -13.95 -25.28
C GLY A 28 -16.42 -15.15 -24.34
N VAL A 29 -16.10 -14.91 -23.08
CA VAL A 29 -16.13 -15.94 -22.06
C VAL A 29 -16.98 -15.42 -20.92
N THR A 30 -18.06 -16.15 -20.59
CA THR A 30 -18.91 -15.74 -19.47
C THR A 30 -18.50 -16.43 -18.17
N PRO A 31 -17.85 -15.69 -17.25
CA PRO A 31 -17.45 -16.32 -15.99
C PRO A 31 -18.62 -16.41 -15.02
N ARG A 32 -18.45 -17.12 -13.92
CA ARG A 32 -19.35 -17.03 -12.79
C ARG A 32 -18.65 -16.34 -11.63
N VAL A 33 -19.42 -15.71 -10.75
CA VAL A 33 -18.80 -14.90 -9.67
C VAL A 33 -19.31 -15.40 -8.33
N MET A 34 -18.42 -15.61 -7.36
CA MET A 34 -18.83 -15.80 -5.97
C MET A 34 -18.09 -14.87 -5.01
N ASP A 35 -18.70 -14.61 -3.86
CA ASP A 35 -18.12 -13.75 -2.83
C ASP A 35 -18.70 -14.18 -1.48
N THR A 36 -17.87 -14.23 -0.44
CA THR A 36 -18.36 -14.67 0.85
C THR A 36 -19.26 -13.64 1.53
N ARG A 37 -19.22 -12.40 1.05
CA ARG A 37 -20.12 -11.36 1.53
C ARG A 37 -21.52 -11.46 0.91
N MET A 38 -22.58 -11.17 1.68
CA MET A 38 -23.94 -11.27 1.15
C MET A 38 -24.24 -10.26 0.04
N THR A 39 -23.85 -9.01 0.25
CA THR A 39 -24.04 -8.03 -0.81
C THR A 39 -22.72 -7.30 -1.02
N PRO A 40 -21.82 -7.94 -1.79
CA PRO A 40 -20.49 -7.36 -1.89
C PRO A 40 -20.55 -6.08 -2.70
N PRO A 41 -19.53 -5.22 -2.57
CA PRO A 41 -19.44 -4.00 -3.35
C PRO A 41 -19.45 -4.30 -4.85
N GLY A 42 -20.19 -3.50 -5.61
CA GLY A 42 -20.27 -3.67 -7.06
C GLY A 42 -21.29 -4.67 -7.54
N LEU A 43 -22.03 -5.29 -6.62
CA LEU A 43 -23.02 -6.29 -7.00
C LEU A 43 -24.03 -5.71 -7.99
N ASP A 44 -24.48 -4.48 -7.72
CA ASP A 44 -25.50 -3.86 -8.57
C ASP A 44 -24.98 -3.49 -9.95
N LYS A 45 -23.65 -3.56 -10.13
CA LYS A 45 -23.04 -3.31 -11.42
C LYS A 45 -22.73 -4.57 -12.22
N LEU A 46 -22.93 -5.74 -11.62
CA LEU A 46 -22.62 -6.98 -12.30
C LEU A 46 -23.70 -7.22 -13.35
N PRO A 47 -23.30 -7.43 -14.62
CA PRO A 47 -24.33 -7.65 -15.64
C PRO A 47 -25.24 -8.82 -15.30
N GLU A 48 -26.51 -8.71 -15.66
CA GLU A 48 -27.51 -9.68 -15.29
C GLU A 48 -27.23 -11.09 -15.86
N ALA A 49 -26.50 -11.15 -16.97
CA ALA A 49 -26.19 -12.44 -17.57
C ALA A 49 -25.09 -13.23 -16.85
N VAL A 50 -24.43 -12.60 -15.88
CA VAL A 50 -23.35 -13.30 -15.16
C VAL A 50 -23.96 -13.93 -13.91
N GLU A 51 -23.91 -15.26 -13.82
CA GLU A 51 -24.40 -15.96 -12.62
C GLU A 51 -23.51 -15.61 -11.42
N ARG A 52 -24.13 -15.47 -10.25
CA ARG A 52 -23.37 -15.13 -9.04
C ARG A 52 -23.93 -15.91 -7.84
N HIS A 53 -23.06 -16.13 -6.87
CA HIS A 53 -23.39 -16.85 -5.62
C HIS A 53 -22.76 -16.03 -4.51
N THR A 54 -23.55 -15.54 -3.56
CA THR A 54 -22.98 -14.68 -2.55
C THR A 54 -23.32 -15.15 -1.15
N GLY A 55 -22.53 -14.71 -0.17
CA GLY A 55 -22.72 -15.13 1.21
C GLY A 55 -21.92 -16.34 1.68
N SER A 56 -21.19 -16.96 0.75
CA SER A 56 -20.36 -18.15 1.04
C SER A 56 -19.66 -18.50 -0.26
N LEU A 57 -18.66 -19.39 -0.20
CA LEU A 57 -18.13 -19.97 -1.42
C LEU A 57 -18.96 -21.17 -1.86
N ASN A 58 -19.02 -21.43 -3.16
CA ASN A 58 -19.80 -22.52 -3.71
C ASN A 58 -18.84 -23.61 -4.21
N ASP A 59 -18.75 -24.71 -3.46
CA ASP A 59 -17.83 -25.79 -3.83
C ASP A 59 -18.20 -26.51 -5.12
N GLU A 60 -19.48 -26.53 -5.46
CA GLU A 60 -19.92 -27.17 -6.72
C GLU A 60 -19.31 -26.36 -7.86
N TRP A 61 -19.38 -25.03 -7.77
CA TRP A 61 -18.77 -24.19 -8.82
C TRP A 61 -17.25 -24.29 -8.84
N LEU A 62 -16.61 -24.22 -7.67
CA LEU A 62 -15.15 -24.25 -7.63
C LEU A 62 -14.59 -25.57 -8.20
N MET A 63 -15.18 -26.68 -7.78
CA MET A 63 -14.62 -27.97 -8.21
C MET A 63 -14.96 -28.29 -9.66
N ALA A 64 -15.86 -27.52 -10.25
CA ALA A 64 -16.18 -27.65 -11.66
C ALA A 64 -15.30 -26.79 -12.54
N ALA A 65 -14.61 -25.83 -11.93
CA ALA A 65 -13.87 -24.81 -12.71
C ALA A 65 -12.67 -25.36 -13.47
N ASP A 66 -12.39 -24.76 -14.64
CA ASP A 66 -11.09 -24.90 -15.29
C ASP A 66 -10.07 -23.85 -14.82
N LEU A 67 -10.56 -22.69 -14.37
CA LEU A 67 -9.68 -21.59 -13.97
C LEU A 67 -10.41 -20.83 -12.84
N ILE A 68 -9.69 -20.61 -11.74
CA ILE A 68 -10.24 -19.82 -10.62
C ILE A 68 -9.43 -18.54 -10.51
N VAL A 69 -10.12 -17.40 -10.49
CA VAL A 69 -9.43 -16.09 -10.39
C VAL A 69 -9.72 -15.52 -9.02
N ALA A 70 -8.73 -15.54 -8.12
CA ALA A 70 -8.96 -15.24 -6.71
C ALA A 70 -8.59 -13.80 -6.38
N SER A 71 -9.54 -13.06 -5.79
CA SER A 71 -9.24 -11.73 -5.24
C SER A 71 -8.08 -11.85 -4.25
N PRO A 72 -7.27 -10.80 -4.11
CA PRO A 72 -6.29 -10.81 -3.00
C PRO A 72 -6.96 -10.78 -1.62
N GLY A 73 -8.26 -10.52 -1.60
CA GLY A 73 -9.01 -10.44 -0.34
C GLY A 73 -9.52 -11.78 0.20
N ILE A 74 -9.33 -12.86 -0.53
CA ILE A 74 -9.70 -14.20 -0.06
C ILE A 74 -8.43 -15.02 0.19
N ALA A 75 -8.35 -15.65 1.37
CA ALA A 75 -7.16 -16.46 1.67
C ALA A 75 -7.01 -17.67 0.72
N LEU A 76 -5.81 -17.89 0.19
CA LEU A 76 -5.56 -19.10 -0.57
C LEU A 76 -5.69 -20.34 0.31
N ALA A 77 -5.47 -20.15 1.60
CA ALA A 77 -5.66 -21.24 2.55
C ALA A 77 -7.10 -21.59 2.92
N HIS A 78 -8.09 -20.85 2.39
CA HIS A 78 -9.49 -21.16 2.68
C HIS A 78 -9.73 -22.61 2.22
N PRO A 79 -10.33 -23.43 3.09
CA PRO A 79 -10.46 -24.87 2.80
C PRO A 79 -11.02 -25.13 1.39
N SER A 80 -11.96 -24.31 0.93
CA SER A 80 -12.55 -24.54 -0.39
C SER A 80 -11.53 -24.32 -1.50
N LEU A 81 -10.70 -23.31 -1.33
CA LEU A 81 -9.70 -22.99 -2.34
C LEU A 81 -8.54 -23.96 -2.29
N SER A 82 -8.18 -24.39 -1.09
CA SER A 82 -7.16 -25.38 -0.88
C SER A 82 -7.58 -26.72 -1.50
N ALA A 83 -8.84 -27.09 -1.34
CA ALA A 83 -9.34 -28.28 -2.01
C ALA A 83 -9.21 -28.20 -3.54
N ALA A 84 -9.55 -27.05 -4.12
CA ALA A 84 -9.43 -26.92 -5.56
C ALA A 84 -7.96 -27.04 -6.02
N ALA A 85 -7.04 -26.40 -5.30
CA ALA A 85 -5.62 -26.50 -5.62
C ALA A 85 -5.15 -27.95 -5.55
N ASP A 86 -5.58 -28.69 -4.53
CA ASP A 86 -5.20 -30.10 -4.40
C ASP A 86 -5.66 -30.94 -5.59
N ALA A 87 -6.81 -30.57 -6.16
CA ALA A 87 -7.35 -31.17 -7.36
C ALA A 87 -6.67 -30.75 -8.66
N GLY A 88 -5.67 -29.87 -8.54
CA GLY A 88 -4.92 -29.41 -9.71
C GLY A 88 -5.64 -28.36 -10.53
N ILE A 89 -6.62 -27.68 -9.93
CA ILE A 89 -7.33 -26.63 -10.66
C ILE A 89 -6.52 -25.34 -10.57
N GLU A 90 -6.25 -24.76 -11.74
CA GLU A 90 -5.39 -23.56 -11.85
C GLU A 90 -6.02 -22.37 -11.12
N ILE A 91 -5.21 -21.68 -10.29
CA ILE A 91 -5.69 -20.51 -9.54
C ILE A 91 -4.73 -19.35 -9.84
N VAL A 92 -5.29 -18.24 -10.33
CA VAL A 92 -4.51 -17.04 -10.61
C VAL A 92 -5.22 -15.84 -9.98
N GLY A 93 -4.63 -14.65 -10.09
CA GLY A 93 -5.36 -13.41 -9.74
C GLY A 93 -5.33 -12.41 -10.90
N ASP A 94 -5.87 -11.22 -10.67
CA ASP A 94 -5.94 -10.20 -11.72
C ASP A 94 -4.57 -9.79 -12.27
N ILE A 95 -3.57 -9.70 -11.39
CA ILE A 95 -2.24 -9.32 -11.84
C ILE A 95 -1.62 -10.36 -12.79
N GLU A 96 -1.87 -11.65 -12.53
CA GLU A 96 -1.45 -12.71 -13.46
C GLU A 96 -2.12 -12.54 -14.81
N LEU A 97 -3.44 -12.30 -14.81
CA LEU A 97 -4.14 -12.10 -16.08
C LEU A 97 -3.51 -10.93 -16.85
N PHE A 98 -3.23 -9.85 -16.13
CA PHE A 98 -2.66 -8.65 -16.73
C PHE A 98 -1.26 -8.93 -17.33
N CYS A 99 -0.42 -9.62 -16.56
CA CYS A 99 0.95 -9.89 -17.01
C CYS A 99 0.98 -10.70 -18.30
N ARG A 100 0.02 -11.61 -18.46
CA ARG A 100 -0.04 -12.46 -19.66
C ARG A 100 -0.37 -11.63 -20.90
N GLU A 101 -1.00 -10.47 -20.69
CA GLU A 101 -1.44 -9.63 -21.82
C GLU A 101 -0.58 -8.40 -22.11
N ALA A 102 0.05 -7.87 -21.06
CA ALA A 102 0.70 -6.56 -21.19
C ALA A 102 1.73 -6.51 -22.32
N GLN A 103 1.71 -5.40 -23.05
CA GLN A 103 2.64 -5.20 -24.18
C GLN A 103 3.64 -4.07 -23.99
N ALA A 104 3.83 -3.64 -22.74
CA ALA A 104 4.87 -2.68 -22.37
C ALA A 104 5.56 -3.19 -21.11
N PRO A 105 6.79 -2.75 -20.87
CA PRO A 105 7.52 -3.14 -19.67
C PRO A 105 6.76 -2.74 -18.40
N ILE A 106 7.01 -3.50 -17.34
CA ILE A 106 6.36 -3.31 -16.04
C ILE A 106 7.41 -3.02 -14.95
N VAL A 107 7.25 -1.90 -14.26
CA VAL A 107 7.99 -1.62 -13.03
C VAL A 107 7.08 -2.07 -11.89
N ALA A 108 7.58 -2.92 -11.00
CA ALA A 108 6.72 -3.57 -9.99
C ALA A 108 7.24 -3.28 -8.59
N ILE A 109 6.35 -2.77 -7.72
CA ILE A 109 6.78 -2.20 -6.41
C ILE A 109 5.95 -2.79 -5.27
N THR A 110 6.61 -3.41 -4.30
CA THR A 110 5.94 -3.87 -3.09
C THR A 110 6.74 -3.44 -1.87
N GLY A 111 6.20 -3.74 -0.68
CA GLY A 111 6.82 -3.30 0.58
C GLY A 111 5.76 -3.11 1.64
N SER A 112 6.18 -3.09 2.91
CA SER A 112 5.25 -2.83 4.02
C SER A 112 4.86 -1.35 4.12
N ASN A 113 5.75 -0.45 3.72
CA ASN A 113 5.49 1.01 3.72
CA ASN A 113 5.42 0.96 3.64
C ASN A 113 6.15 1.61 2.48
N GLY A 114 5.57 2.69 1.98
CA GLY A 114 6.26 3.40 0.91
C GLY A 114 5.74 3.06 -0.47
N LYS A 115 5.00 1.97 -0.60
CA LYS A 115 4.78 1.45 -1.96
C LYS A 115 3.88 2.32 -2.84
N SER A 116 2.89 2.97 -2.24
CA SER A 116 2.05 3.90 -3.04
C SER A 116 2.84 5.15 -3.44
N THR A 117 3.60 5.73 -2.51
CA THR A 117 4.43 6.88 -2.79
C THR A 117 5.44 6.60 -3.88
N VAL A 118 6.15 5.48 -3.79
CA VAL A 118 7.13 5.16 -4.81
C VAL A 118 6.49 4.86 -6.17
N THR A 119 5.36 4.16 -6.16
CA THR A 119 4.62 3.87 -7.42
C THR A 119 4.20 5.17 -8.11
N THR A 120 3.63 6.07 -7.31
CA THR A 120 3.18 7.33 -7.86
C THR A 120 4.34 8.16 -8.39
N LEU A 121 5.43 8.18 -7.63
CA LEU A 121 6.63 8.92 -8.04
C LEU A 121 7.18 8.41 -9.37
N VAL A 122 7.33 7.08 -9.53
CA VAL A 122 7.82 6.57 -10.80
C VAL A 122 6.89 6.91 -11.96
N GLY A 123 5.59 6.92 -11.67
CA GLY A 123 4.56 7.36 -12.67
C GLY A 123 4.80 8.80 -13.06
N GLU A 124 5.11 9.66 -12.08
CA GLU A 124 5.39 11.07 -12.42
C GLU A 124 6.70 11.26 -13.18
N MET A 125 7.71 10.48 -12.84
CA MET A 125 8.95 10.48 -13.61
C MET A 125 8.71 10.16 -15.09
N ALA A 126 7.85 9.17 -15.33
CA ALA A 126 7.52 8.75 -16.70
C ALA A 126 6.71 9.85 -17.43
N LYS A 127 5.77 10.46 -16.74
CA LYS A 127 4.99 11.56 -17.32
C LYS A 127 5.87 12.73 -17.69
N ALA A 128 6.87 13.01 -16.86
CA ALA A 128 7.78 14.13 -17.11
C ALA A 128 8.64 13.89 -18.34
N ALA A 129 8.89 12.62 -18.67
CA ALA A 129 9.61 12.24 -19.89
C ALA A 129 8.73 12.19 -21.14
N GLY A 130 7.43 12.38 -20.97
CA GLY A 130 6.47 12.29 -22.09
C GLY A 130 6.18 10.87 -22.52
N VAL A 131 6.37 9.95 -21.58
CA VAL A 131 6.03 8.55 -21.79
C VAL A 131 4.55 8.30 -21.46
N ASN A 132 3.86 7.55 -22.30
CA ASN A 132 2.47 7.19 -22.01
C ASN A 132 2.45 6.05 -20.99
N VAL A 133 2.10 6.39 -19.74
CA VAL A 133 2.31 5.46 -18.63
C VAL A 133 0.97 5.07 -17.98
N GLY A 134 0.81 3.80 -17.62
CA GLY A 134 -0.36 3.36 -16.85
C GLY A 134 0.10 3.03 -15.45
N VAL A 135 -0.52 3.68 -14.46
CA VAL A 135 -0.11 3.55 -13.06
C VAL A 135 -1.29 2.97 -12.27
N GLY A 136 -1.07 1.92 -11.52
CA GLY A 136 -2.16 1.42 -10.67
C GLY A 136 -1.81 0.07 -10.10
N GLY A 137 -2.80 -0.82 -10.02
CA GLY A 137 -2.61 -2.14 -9.43
C GLY A 137 -3.39 -2.13 -8.14
N ASN A 138 -2.63 -2.07 -7.07
CA ASN A 138 -3.17 -2.08 -5.75
C ASN A 138 -3.63 -0.69 -5.31
N ILE A 139 -3.27 0.32 -6.09
CA ILE A 139 -3.90 1.64 -5.95
C ILE A 139 -4.44 2.12 -7.28
N GLY A 140 -5.14 3.25 -7.28
CA GLY A 140 -5.77 3.73 -8.52
C GLY A 140 -6.55 2.63 -9.20
N LEU A 141 -6.46 2.58 -10.52
CA LEU A 141 -7.19 1.56 -11.25
C LEU A 141 -6.62 0.18 -10.99
N PRO A 142 -7.50 -0.80 -10.80
CA PRO A 142 -7.06 -2.19 -11.00
C PRO A 142 -6.27 -2.30 -12.30
N ALA A 143 -5.27 -3.19 -12.32
CA ALA A 143 -4.34 -3.31 -13.42
C ALA A 143 -5.01 -3.62 -14.74
N LEU A 144 -6.03 -4.49 -14.74
CA LEU A 144 -6.71 -4.80 -15.99
C LEU A 144 -7.37 -3.60 -16.66
N MET A 145 -7.72 -2.59 -15.86
CA MET A 145 -8.30 -1.36 -16.43
CA MET A 145 -8.30 -1.37 -16.43
C MET A 145 -7.27 -0.43 -17.04
N LEU A 146 -5.97 -0.72 -16.82
CA LEU A 146 -4.88 0.06 -17.42
C LEU A 146 -4.46 -0.48 -18.80
N LEU A 147 -4.83 -1.72 -19.11
CA LEU A 147 -4.39 -2.34 -20.37
C LEU A 147 -4.77 -1.55 -21.61
N ASP A 148 -3.78 -1.12 -22.39
CA ASP A 148 -4.02 -0.30 -23.58
C ASP A 148 -2.81 -0.45 -24.48
N ASP A 149 -3.02 -0.71 -25.78
CA ASP A 149 -1.94 -0.92 -26.75
CA ASP A 149 -1.87 -0.96 -26.64
C ASP A 149 -1.03 0.28 -26.91
N GLU A 150 -1.50 1.45 -26.50
CA GLU A 150 -0.69 2.66 -26.64
C GLU A 150 0.19 2.95 -25.43
N CYS A 151 -0.04 2.21 -24.36
CA CYS A 151 0.78 2.37 -23.17
CA CYS A 151 0.78 2.34 -23.15
C CYS A 151 2.23 1.94 -23.44
N GLU A 152 3.17 2.75 -22.96
CA GLU A 152 4.58 2.54 -23.20
C GLU A 152 5.30 1.99 -21.97
N LEU A 153 4.69 2.15 -20.80
CA LEU A 153 5.28 1.66 -19.54
C LEU A 153 4.14 1.46 -18.54
N TYR A 154 4.18 0.38 -17.76
CA TYR A 154 3.23 0.23 -16.65
C TYR A 154 4.02 0.33 -15.35
N VAL A 155 3.41 0.93 -14.34
CA VAL A 155 4.01 1.01 -13.02
C VAL A 155 2.97 0.49 -12.02
N LEU A 156 3.25 -0.68 -11.43
CA LEU A 156 2.24 -1.36 -10.61
C LEU A 156 2.68 -1.43 -9.15
N GLU A 157 1.81 -0.97 -8.27
CA GLU A 157 1.92 -1.30 -6.84
C GLU A 157 1.31 -2.68 -6.61
N LEU A 158 2.07 -3.59 -6.00
CA LEU A 158 1.61 -4.98 -5.84
C LEU A 158 1.66 -5.33 -4.35
N SER A 159 0.59 -5.93 -3.84
CA SER A 159 0.61 -6.44 -2.48
C SER A 159 1.18 -7.84 -2.39
N SER A 160 1.55 -8.22 -1.16
CA SER A 160 1.97 -9.60 -0.91
C SER A 160 0.91 -10.59 -1.43
N PHE A 161 -0.37 -10.27 -1.19
CA PHE A 161 -1.48 -11.14 -1.60
C PHE A 161 -1.58 -11.30 -3.12
N GLN A 162 -1.42 -10.20 -3.85
CA GLN A 162 -1.46 -10.30 -5.32
C GLN A 162 -0.29 -11.12 -5.82
N LEU A 163 0.87 -10.93 -5.20
CA LEU A 163 2.07 -11.67 -5.66
C LEU A 163 1.87 -13.18 -5.46
N GLU A 164 1.20 -13.62 -4.40
CA GLU A 164 1.01 -15.07 -4.14
C GLU A 164 0.30 -15.79 -5.29
N THR A 165 -0.55 -15.07 -6.05
CA THR A 165 -1.27 -15.66 -7.18
C THR A 165 -0.72 -15.30 -8.56
N THR A 166 0.48 -14.72 -8.58
CA THR A 166 1.12 -14.29 -9.81
C THR A 166 2.35 -15.14 -10.12
N SER A 167 2.49 -15.56 -11.38
CA SER A 167 3.62 -16.38 -11.78
CA SER A 167 3.59 -16.43 -11.81
C SER A 167 4.33 -15.90 -13.04
N SER A 168 3.66 -15.05 -13.84
CA SER A 168 4.20 -14.63 -15.14
C SER A 168 4.78 -13.21 -15.20
N LEU A 169 4.94 -12.55 -14.05
CA LEU A 169 5.58 -11.22 -14.03
C LEU A 169 7.07 -11.32 -14.40
N GLN A 170 7.49 -10.54 -15.38
CA GLN A 170 8.92 -10.39 -15.68
C GLN A 170 9.22 -8.89 -15.69
N ALA A 171 9.35 -8.32 -14.50
CA ALA A 171 9.42 -6.86 -14.35
C ALA A 171 10.70 -6.34 -15.00
N VAL A 172 10.64 -5.18 -15.65
CA VAL A 172 11.88 -4.50 -16.06
C VAL A 172 12.67 -4.07 -14.83
N ALA A 173 11.97 -3.73 -13.76
CA ALA A 173 12.62 -3.35 -12.50
C ALA A 173 11.64 -3.61 -11.37
N ALA A 174 12.10 -4.33 -10.33
CA ALA A 174 11.21 -4.71 -9.22
C ALA A 174 11.87 -4.35 -7.90
N THR A 175 11.08 -3.97 -6.89
CA THR A 175 11.64 -3.71 -5.56
C THR A 175 10.72 -4.24 -4.48
N ILE A 176 11.31 -4.63 -3.37
CA ILE A 176 10.65 -4.68 -2.05
C ILE A 176 11.27 -3.56 -1.25
N LEU A 177 10.46 -2.57 -0.86
CA LEU A 177 11.05 -1.38 -0.24
C LEU A 177 11.51 -1.66 1.21
N ASN A 178 10.78 -2.54 1.89
CA ASN A 178 11.07 -2.87 3.29
C ASN A 178 10.11 -4.00 3.66
N VAL A 179 10.40 -4.69 4.75
CA VAL A 179 9.50 -5.73 5.24
C VAL A 179 9.40 -5.61 6.76
N THR A 180 8.26 -5.15 7.24
CA THR A 180 8.04 -5.07 8.68
C THR A 180 6.73 -5.78 9.00
N GLU A 181 6.56 -6.23 10.24
CA GLU A 181 5.39 -7.05 10.56
C GLU A 181 4.08 -6.41 10.11
N ASP A 182 3.32 -7.15 9.32
CA ASP A 182 1.98 -6.74 8.86
C ASP A 182 1.23 -7.99 8.39
N HIS A 183 -0.09 -7.90 8.36
CA HIS A 183 -0.94 -8.97 7.83
C HIS A 183 -0.75 -10.32 8.53
N MET A 184 -0.36 -10.32 9.80
CA MET A 184 -0.14 -11.60 10.48
C MET A 184 -1.43 -12.42 10.59
N ASP A 185 -2.58 -11.75 10.54
CA ASP A 185 -3.85 -12.46 10.52
C ASP A 185 -4.01 -13.35 9.29
N ARG A 186 -3.19 -13.11 8.25
CA ARG A 186 -3.23 -13.85 6.99
C ARG A 186 -1.98 -14.67 6.71
N TYR A 187 -1.03 -14.65 7.64
CA TYR A 187 0.24 -15.37 7.47
C TYR A 187 0.56 -16.15 8.76
N PRO A 188 -0.01 -17.35 8.88
CA PRO A 188 0.12 -18.10 10.13
C PRO A 188 1.49 -18.77 10.29
N PHE A 189 2.36 -18.66 9.28
CA PHE A 189 3.80 -18.98 9.47
C PHE A 189 4.63 -17.70 9.59
N GLY A 190 3.96 -16.63 9.97
CA GLY A 190 4.69 -15.49 10.53
C GLY A 190 5.49 -14.65 9.55
N LEU A 191 6.48 -13.90 10.06
CA LEU A 191 7.14 -12.88 9.26
C LEU A 191 7.81 -13.44 8.01
N GLN A 192 8.44 -14.61 8.12
CA GLN A 192 9.15 -15.18 6.98
C GLN A 192 8.20 -15.65 5.87
N GLN A 193 6.98 -16.07 6.24
CA GLN A 193 5.98 -16.39 5.22
C GLN A 193 5.51 -15.16 4.43
N TYR A 194 5.19 -14.10 5.19
CA TYR A 194 4.89 -12.78 4.61
C TYR A 194 6.03 -12.31 3.69
N ARG A 195 7.27 -12.35 4.17
CA ARG A 195 8.43 -12.02 3.33
C ARG A 195 8.46 -12.86 2.06
N ALA A 196 8.28 -14.18 2.21
CA ALA A 196 8.37 -15.06 1.04
C ALA A 196 7.41 -14.65 -0.08
N ALA A 197 6.21 -14.22 0.31
CA ALA A 197 5.25 -13.74 -0.67
C ALA A 197 5.81 -12.56 -1.45
N LEU A 199 9.03 -11.72 -1.80
CA LEU A 199 10.19 -12.15 -2.60
C LEU A 199 9.84 -12.65 -4.00
N ARG A 200 8.61 -13.11 -4.18
CA ARG A 200 8.12 -13.51 -5.52
C ARG A 200 8.30 -12.41 -6.58
N ILE A 201 8.32 -11.14 -6.17
CA ILE A 201 8.35 -10.04 -7.13
C ILE A 201 9.65 -10.03 -7.96
N TYR A 202 10.71 -10.63 -7.42
CA TYR A 202 12.02 -10.58 -8.06
C TYR A 202 12.19 -11.68 -9.10
N GLU A 203 11.31 -12.66 -9.09
CA GLU A 203 11.47 -13.79 -10.00
CA GLU A 203 11.46 -13.80 -10.00
C GLU A 203 11.37 -13.32 -11.44
N ASN A 204 12.41 -13.61 -12.23
CA ASN A 204 12.50 -13.16 -13.63
C ASN A 204 12.49 -11.63 -13.82
N ALA A 205 12.82 -10.87 -12.78
CA ALA A 205 12.93 -9.42 -12.94
C ALA A 205 14.27 -9.11 -13.62
N LYS A 206 14.31 -8.14 -14.54
CA LYS A 206 15.58 -7.76 -15.20
CA LYS A 206 15.57 -7.78 -15.19
C LYS A 206 16.54 -7.09 -14.23
N VAL A 207 16.01 -6.20 -13.39
CA VAL A 207 16.82 -5.51 -12.39
C VAL A 207 16.05 -5.64 -11.08
N CYS A 208 16.74 -6.01 -9.99
CA CYS A 208 16.13 -6.00 -8.66
CA CYS A 208 16.13 -5.98 -8.66
C CYS A 208 16.72 -4.84 -7.88
N VAL A 209 15.86 -4.08 -7.23
CA VAL A 209 16.24 -2.94 -6.41
C VAL A 209 15.94 -3.27 -4.94
N VAL A 210 16.97 -3.30 -4.10
CA VAL A 210 16.84 -3.73 -2.72
C VAL A 210 17.24 -2.60 -1.77
N ASN A 211 16.79 -2.74 -0.52
CA ASN A 211 17.07 -1.76 0.54
C ASN A 211 18.28 -2.22 1.32
N ALA A 212 19.41 -1.52 1.13
CA ALA A 212 20.66 -1.86 1.80
C ALA A 212 20.52 -1.87 3.31
N ASP A 213 19.51 -1.18 3.84
CA ASP A 213 19.31 -1.12 5.28
C ASP A 213 18.30 -2.13 5.82
N ASP A 214 17.71 -2.95 4.95
CA ASP A 214 16.70 -3.92 5.39
C ASP A 214 17.00 -5.27 4.73
N ALA A 215 17.67 -6.16 5.48
CA ALA A 215 18.14 -7.43 4.92
C ALA A 215 17.01 -8.31 4.37
N LEU A 216 15.81 -8.14 4.91
CA LEU A 216 14.69 -8.98 4.47
C LEU A 216 14.25 -8.65 3.03
N THR A 217 14.67 -7.49 2.52
CA THR A 217 14.34 -7.14 1.12
C THR A 217 15.22 -7.85 0.09
N MET A 218 16.24 -8.56 0.57
CA MET A 218 17.17 -9.18 -0.36
CA MET A 218 17.22 -9.20 -0.31
C MET A 218 16.73 -10.60 -0.68
N PRO A 219 16.90 -10.99 -1.95
CA PRO A 219 16.70 -12.37 -2.35
C PRO A 219 17.47 -13.34 -1.44
N ILE A 220 16.91 -14.53 -1.23
CA ILE A 220 17.51 -15.50 -0.31
C ILE A 220 18.83 -16.08 -0.83
N ARG A 221 18.95 -16.24 -2.15
CA ARG A 221 20.26 -16.32 -2.78
C ARG A 221 20.85 -14.91 -2.92
N ARG A 226 24.12 -8.62 -7.09
CA ARG A 226 23.68 -8.30 -8.44
C ARG A 226 22.35 -7.53 -8.46
N CYS A 227 21.78 -7.28 -7.29
CA CYS A 227 20.73 -6.26 -7.18
C CYS A 227 21.35 -4.87 -7.04
N VAL A 228 20.67 -3.88 -7.62
CA VAL A 228 20.91 -2.48 -7.30
C VAL A 228 20.33 -2.15 -5.92
N SER A 229 21.05 -1.35 -5.15
CA SER A 229 20.60 -1.00 -3.80
C SER A 229 20.41 0.48 -3.52
N PHE A 230 19.48 0.77 -2.61
CA PHE A 230 19.33 2.13 -2.05
C PHE A 230 19.45 2.05 -0.53
N GLY A 231 19.86 3.16 0.08
CA GLY A 231 19.86 3.20 1.55
C GLY A 231 20.27 4.56 2.06
N VAL A 232 20.46 4.67 3.36
CA VAL A 232 20.74 5.97 3.97
C VAL A 232 22.25 6.27 3.89
N ASN A 233 23.07 5.45 4.53
CA ASN A 233 24.51 5.73 4.55
C ASN A 233 25.27 4.81 3.59
N MET A 234 24.53 3.89 2.97
CA MET A 234 25.09 2.75 2.26
C MET A 234 24.21 2.57 1.02
N GLY A 235 24.78 2.09 -0.08
CA GLY A 235 23.99 1.65 -1.23
C GLY A 235 24.41 2.33 -2.51
N ASP A 236 24.07 1.75 -3.66
CA ASP A 236 24.31 2.42 -4.93
C ASP A 236 23.67 3.80 -4.97
N TYR A 237 22.43 3.86 -4.50
CA TYR A 237 21.68 5.11 -4.30
C TYR A 237 21.61 5.41 -2.82
N HIS A 238 22.15 6.54 -2.39
CA HIS A 238 22.19 6.85 -0.96
C HIS A 238 22.18 8.35 -0.68
N LEU A 239 22.12 8.69 0.60
CA LEU A 239 22.02 10.08 1.01
C LEU A 239 23.39 10.58 1.46
N ASN A 240 23.62 11.88 1.29
CA ASN A 240 24.88 12.53 1.72
C ASN A 240 24.44 13.74 2.54
N HIS A 241 24.71 13.74 3.84
CA HIS A 241 24.44 14.92 4.66
C HIS A 241 25.61 15.92 4.63
N GLN A 242 25.28 17.20 4.47
CA GLN A 242 26.28 18.26 4.31
C GLN A 242 25.88 19.43 5.20
N GLN A 243 26.23 19.36 6.48
CA GLN A 243 26.08 20.50 7.39
C GLN A 243 24.68 21.12 7.34
N GLY A 244 23.69 20.42 7.87
CA GLY A 244 22.29 20.87 7.81
C GLY A 244 21.67 20.86 6.42
N GLU A 245 22.09 19.93 5.58
CA GLU A 245 21.39 19.70 4.31
C GLU A 245 21.68 18.33 3.75
N THR A 246 20.78 17.84 2.91
CA THR A 246 20.83 16.46 2.49
C THR A 246 20.81 16.42 0.97
N TRP A 247 21.57 15.50 0.40
CA TRP A 247 21.61 15.25 -1.02
C TRP A 247 21.26 13.79 -1.33
N LEU A 248 20.61 13.59 -2.47
CA LEU A 248 20.53 12.27 -3.10
C LEU A 248 21.80 12.09 -3.89
N ARG A 249 22.40 10.91 -3.77
CA ARG A 249 23.62 10.59 -4.53
C ARG A 249 23.51 9.25 -5.24
N VAL A 250 24.07 9.14 -6.44
CA VAL A 250 24.18 7.86 -7.13
C VAL A 250 25.65 7.53 -7.34
N LYS A 251 26.11 6.51 -6.61
CA LYS A 251 27.51 6.06 -6.72
C LYS A 251 28.49 7.20 -6.49
N GLY A 252 28.30 7.97 -5.42
CA GLY A 252 29.25 9.04 -5.14
C GLY A 252 28.99 10.39 -5.82
N GLU A 253 28.09 10.43 -6.81
CA GLU A 253 27.79 11.68 -7.54
C GLU A 253 26.53 12.34 -6.98
N LYS A 254 26.59 13.64 -6.62
CA LYS A 254 25.37 14.35 -6.21
C LYS A 254 24.42 14.49 -7.40
N VAL A 255 23.14 14.17 -7.16
CA VAL A 255 22.12 14.35 -8.20
C VAL A 255 20.99 15.29 -7.76
N LEU A 256 20.73 15.44 -6.47
CA LEU A 256 19.65 16.37 -6.07
C LEU A 256 19.79 16.81 -4.61
N ASN A 257 19.76 18.13 -4.38
CA ASN A 257 19.66 18.67 -3.02
C ASN A 257 18.19 18.62 -2.62
N VAL A 258 17.88 17.91 -1.54
CA VAL A 258 16.48 17.66 -1.19
C VAL A 258 15.70 18.92 -0.81
N LYS A 259 16.36 20.06 -0.72
CA LYS A 259 15.59 21.30 -0.53
C LYS A 259 14.71 21.58 -1.77
N GLU A 260 15.02 20.94 -2.88
CA GLU A 260 14.22 21.14 -4.09
C GLU A 260 12.94 20.27 -4.09
N MET A 261 12.89 19.31 -3.18
CA MET A 261 11.71 18.43 -3.06
C MET A 261 10.63 19.12 -2.22
N LYS A 262 9.37 18.82 -2.55
CA LYS A 262 8.24 19.22 -1.68
C LYS A 262 8.08 18.30 -0.49
N LEU A 263 8.35 17.00 -0.68
CA LEU A 263 8.32 16.04 0.41
C LEU A 263 9.52 16.29 1.33
N SER A 264 9.38 15.88 2.59
CA SER A 264 10.47 16.01 3.54
C SER A 264 10.53 14.78 4.44
N GLY A 265 11.61 14.66 5.21
CA GLY A 265 11.80 13.50 6.06
C GLY A 265 12.61 12.39 5.41
N GLN A 266 13.46 11.77 6.20
CA GLN A 266 14.33 10.71 5.71
C GLN A 266 13.63 9.61 4.90
N HIS A 267 12.48 9.11 5.37
CA HIS A 267 11.92 7.97 4.64
C HIS A 267 11.36 8.40 3.28
N ASN A 268 10.97 9.66 3.15
CA ASN A 268 10.63 10.20 1.84
C ASN A 268 11.85 10.37 0.95
N TYR A 269 13.01 10.63 1.56
CA TYR A 269 14.22 10.70 0.74
C TYR A 269 14.67 9.33 0.28
N THR A 270 14.52 8.30 1.12
CA THR A 270 14.82 6.96 0.62
C THR A 270 13.75 6.44 -0.36
N ASN A 271 12.51 6.90 -0.23
CA ASN A 271 11.50 6.60 -1.26
C ASN A 271 11.88 7.23 -2.62
N ALA A 272 12.42 8.46 -2.56
CA ALA A 272 12.92 9.12 -3.77
C ALA A 272 14.08 8.35 -4.39
N LEU A 273 15.03 7.89 -3.56
CA LEU A 273 16.12 7.07 -4.11
C LEU A 273 15.58 5.81 -4.79
N ALA A 274 14.66 5.11 -4.13
CA ALA A 274 14.13 3.88 -4.72
C ALA A 274 13.41 4.16 -6.04
N ALA A 275 12.63 5.24 -6.07
CA ALA A 275 11.93 5.62 -7.30
C ALA A 275 12.92 5.95 -8.43
N LEU A 276 14.01 6.66 -8.11
CA LEU A 276 15.03 6.98 -9.10
C LEU A 276 15.75 5.74 -9.61
N ALA A 277 16.03 4.79 -8.72
CA ALA A 277 16.67 3.54 -9.13
C ALA A 277 15.78 2.79 -10.11
N LEU A 278 14.50 2.69 -9.77
CA LEU A 278 13.57 2.01 -10.68
C LEU A 278 13.44 2.72 -12.03
N ALA A 279 13.28 4.04 -11.99
CA ALA A 279 13.17 4.84 -13.23
C ALA A 279 14.42 4.69 -14.09
N ASP A 280 15.60 4.76 -13.47
CA ASP A 280 16.85 4.56 -14.21
C ASP A 280 16.84 3.18 -14.89
N ALA A 281 16.47 2.16 -14.13
CA ALA A 281 16.50 0.79 -14.65
C ALA A 281 15.48 0.61 -15.77
N ALA A 282 14.40 1.38 -15.72
CA ALA A 282 13.38 1.33 -16.76
C ALA A 282 13.79 2.13 -18.00
N GLY A 283 14.94 2.79 -17.94
CA GLY A 283 15.42 3.57 -19.07
C GLY A 283 14.86 4.98 -19.23
N LEU A 284 14.26 5.52 -18.17
CA LEU A 284 13.77 6.91 -18.21
C LEU A 284 14.92 7.89 -18.04
N PRO A 285 14.87 9.02 -18.78
CA PRO A 285 15.96 10.00 -18.68
C PRO A 285 16.11 10.58 -17.26
N ARG A 286 17.32 10.53 -16.75
CA ARG A 286 17.59 11.00 -15.39
C ARG A 286 17.08 12.42 -15.14
N ALA A 287 17.29 13.31 -16.09
CA ALA A 287 16.89 14.71 -15.96
C ALA A 287 15.41 14.92 -15.66
N SER A 288 14.52 14.36 -16.47
CA SER A 288 13.09 14.44 -16.21
C SER A 288 12.69 13.72 -14.90
N SER A 289 13.41 12.67 -14.53
CA SER A 289 13.07 11.95 -13.29
C SER A 289 13.33 12.84 -12.08
N LEU A 290 14.44 13.56 -12.11
CA LEU A 290 14.77 14.51 -11.05
C LEU A 290 13.75 15.65 -11.01
N LYS A 291 13.33 16.14 -12.17
CA LYS A 291 12.31 17.19 -12.22
C LYS A 291 11.00 16.76 -11.52
N ALA A 292 10.59 15.53 -11.78
CA ALA A 292 9.42 14.96 -11.11
C ALA A 292 9.57 14.93 -9.60
N LEU A 293 10.77 14.62 -9.12
CA LEU A 293 10.99 14.65 -7.65
C LEU A 293 10.73 16.03 -7.05
N THR A 294 10.94 17.09 -7.84
CA THR A 294 10.73 18.43 -7.32
C THR A 294 9.27 18.88 -7.32
N THR A 295 8.45 18.28 -8.17
CA THR A 295 7.06 18.72 -8.33
C THR A 295 6.08 17.88 -7.53
N PHE A 296 6.48 16.67 -7.13
CA PHE A 296 5.55 15.74 -6.46
C PHE A 296 5.18 16.22 -5.04
N THR A 297 3.88 16.36 -4.75
CA THR A 297 3.44 16.94 -3.49
C THR A 297 3.01 15.96 -2.40
N GLY A 298 2.87 14.69 -2.74
CA GLY A 298 2.52 13.69 -1.73
C GLY A 298 1.14 13.15 -2.03
N LEU A 299 0.72 12.11 -1.32
CA LEU A 299 -0.59 11.50 -1.54
C LEU A 299 -1.50 11.97 -0.40
N PRO A 300 -2.82 12.00 -0.64
CA PRO A 300 -3.78 12.22 0.46
C PRO A 300 -3.68 11.09 1.52
N HIS A 301 -3.88 11.46 2.78
CA HIS A 301 -3.83 10.50 3.88
C HIS A 301 -2.41 10.06 4.26
N ARG A 302 -1.39 10.64 3.63
CA ARG A 302 0.02 10.38 3.97
CA ARG A 302 -0.02 10.33 4.01
C ARG A 302 0.64 11.55 4.69
N PHE A 303 0.66 11.51 6.02
CA PHE A 303 1.12 12.63 6.82
C PHE A 303 0.66 13.97 6.24
N GLU A 304 -0.64 14.06 6.02
CA GLU A 304 -1.23 15.19 5.30
C GLU A 304 -1.76 16.25 6.28
N VAL A 305 -1.27 17.48 6.17
CA VAL A 305 -1.79 18.53 7.03
C VAL A 305 -3.17 18.94 6.52
N VAL A 306 -4.22 18.58 7.26
CA VAL A 306 -5.56 18.93 6.83
C VAL A 306 -6.05 20.28 7.39
N LEU A 307 -5.44 20.73 8.49
CA LEU A 307 -5.75 22.04 9.05
C LEU A 307 -4.54 22.53 9.86
N GLU A 308 -4.10 23.75 9.59
CA GLU A 308 -3.12 24.39 10.47
C GLU A 308 -3.69 25.73 10.86
N HIS A 309 -4.13 25.87 12.11
CA HIS A 309 -4.95 27.00 12.51
C HIS A 309 -4.89 27.17 14.02
N ASN A 310 -4.80 28.43 14.47
CA ASN A 310 -4.75 28.73 15.90
C ASN A 310 -3.60 28.04 16.63
N GLY A 311 -2.51 27.83 15.90
CA GLY A 311 -1.30 27.28 16.49
C GLY A 311 -1.27 25.77 16.59
N VAL A 312 -2.22 25.10 15.91
CA VAL A 312 -2.39 23.65 16.02
C VAL A 312 -2.37 23.00 14.63
N ARG A 313 -1.55 21.97 14.48
CA ARG A 313 -1.51 21.23 13.22
CA ARG A 313 -1.50 21.22 13.22
C ARG A 313 -2.28 19.93 13.39
N TRP A 314 -3.25 19.69 12.51
CA TRP A 314 -4.06 18.47 12.50
C TRP A 314 -3.61 17.66 11.28
N ILE A 315 -3.08 16.45 11.53
CA ILE A 315 -2.36 15.68 10.51
CA ILE A 315 -2.37 15.68 10.50
C ILE A 315 -3.06 14.34 10.26
N ASN A 316 -3.50 14.15 9.03
CA ASN A 316 -4.17 12.93 8.63
C ASN A 316 -3.11 11.98 8.07
N ASP A 317 -2.71 10.99 8.86
CA ASP A 317 -1.81 9.93 8.37
C ASP A 317 -2.57 8.60 8.41
N SER A 318 -3.82 8.64 7.96
CA SER A 318 -4.67 7.46 7.98
C SER A 318 -4.10 6.31 7.14
N LYS A 319 -3.20 6.63 6.22
CA LYS A 319 -2.56 5.55 5.48
C LYS A 319 -1.64 4.68 6.35
N ALA A 320 -1.33 5.11 7.57
CA ALA A 320 -0.51 4.29 8.48
C ALA A 320 -1.36 3.15 9.05
N THR A 321 -1.34 2.02 8.35
CA THR A 321 -2.16 0.86 8.71
C THR A 321 -1.34 -0.25 9.38
N ASN A 322 -0.04 0.01 9.60
CA ASN A 322 0.79 -0.92 10.37
C ASN A 322 1.78 -0.19 11.29
N VAL A 323 2.45 -0.96 12.15
CA VAL A 323 3.31 -0.37 13.18
C VAL A 323 4.49 0.35 12.54
N GLY A 324 5.07 -0.26 11.50
CA GLY A 324 6.22 0.37 10.80
C GLY A 324 5.89 1.75 10.25
N SER A 325 4.67 1.92 9.78
CA SER A 325 4.27 3.20 9.16
C SER A 325 4.11 4.25 10.26
N THR A 326 3.46 3.87 11.37
CA THR A 326 3.37 4.81 12.48
C THR A 326 4.75 5.15 13.03
N GLU A 327 5.63 4.15 13.13
CA GLU A 327 7.01 4.42 13.57
C GLU A 327 7.64 5.49 12.70
N ALA A 328 7.46 5.38 11.39
CA ALA A 328 8.01 6.39 10.48
C ALA A 328 7.47 7.80 10.68
N ALA A 329 6.21 7.91 11.10
CA ALA A 329 5.65 9.23 11.42
C ALA A 329 6.24 9.78 12.73
N LEU A 330 6.44 8.91 13.72
CA LEU A 330 6.87 9.34 15.05
C LEU A 330 8.38 9.57 15.14
N ASN A 331 9.14 8.81 14.36
CA ASN A 331 10.59 8.82 14.50
C ASN A 331 11.20 10.16 14.07
N GLY A 332 11.76 10.87 15.03
CA GLY A 332 12.29 12.23 14.84
C GLY A 332 11.25 13.34 14.80
N LEU A 333 10.00 13.03 15.15
CA LEU A 333 8.91 14.00 15.06
C LEU A 333 9.17 15.15 16.01
N HIS A 334 9.02 16.37 15.51
CA HIS A 334 9.11 17.57 16.35
C HIS A 334 7.74 18.20 16.63
N VAL A 335 7.39 18.27 17.91
CA VAL A 335 6.16 18.94 18.36
C VAL A 335 6.53 19.97 19.42
N ASP A 336 5.98 21.17 19.31
CA ASP A 336 6.32 22.21 20.26
C ASP A 336 5.64 22.00 21.60
N GLY A 337 4.37 21.62 21.56
CA GLY A 337 3.62 21.35 22.79
C GLY A 337 3.37 19.88 22.99
N THR A 338 2.11 19.48 22.99
CA THR A 338 1.71 18.09 23.24
C THR A 338 1.29 17.44 21.94
N LEU A 339 1.73 16.20 21.73
CA LEU A 339 1.22 15.35 20.66
C LEU A 339 -0.03 14.61 21.14
N HIS A 340 -1.14 14.84 20.44
CA HIS A 340 -2.33 14.03 20.72
C HIS A 340 -2.43 13.01 19.60
N LEU A 341 -2.14 11.75 19.94
CA LEU A 341 -1.98 10.70 18.95
C LEU A 341 -3.18 9.74 18.96
N LEU A 342 -3.83 9.64 17.80
CA LEU A 342 -4.94 8.71 17.64
C LEU A 342 -4.47 7.35 17.08
N LEU A 343 -4.77 6.28 17.84
CA LEU A 343 -4.35 4.91 17.50
C LEU A 343 -5.60 4.04 17.56
N GLY A 344 -5.71 3.07 16.65
CA GLY A 344 -6.87 2.19 16.72
C GLY A 344 -7.43 1.63 15.43
N GLY A 345 -8.24 0.59 15.60
CA GLY A 345 -8.80 -0.19 14.49
C GLY A 345 -8.46 -1.67 14.64
N ASP A 346 -8.28 -2.33 13.50
CA ASP A 346 -7.98 -3.75 13.47
C ASP A 346 -6.48 -3.90 13.25
N GLY A 347 -5.79 -4.31 14.31
CA GLY A 347 -4.33 -4.37 14.30
C GLY A 347 -3.75 -5.63 13.68
N LYS A 348 -4.62 -6.49 13.16
CA LYS A 348 -4.16 -7.67 12.37
C LYS A 348 -3.16 -8.56 13.15
N SER A 349 -3.38 -8.65 14.46
CA SER A 349 -2.51 -9.39 15.36
C SER A 349 -1.08 -8.87 15.47
N ALA A 350 -0.85 -7.59 15.17
CA ALA A 350 0.50 -7.05 15.22
C ALA A 350 0.95 -6.89 16.67
N ASP A 351 2.26 -6.94 16.89
CA ASP A 351 2.86 -6.52 18.15
C ASP A 351 3.06 -5.02 18.11
N PHE A 352 2.33 -4.29 18.97
CA PHE A 352 2.39 -2.83 19.02
C PHE A 352 3.58 -2.32 19.84
N SER A 353 4.29 -3.22 20.53
CA SER A 353 5.29 -2.78 21.48
CA SER A 353 5.34 -2.83 21.47
C SER A 353 6.39 -1.89 20.91
N PRO A 354 6.79 -2.10 19.64
CA PRO A 354 7.81 -1.20 19.10
C PRO A 354 7.45 0.28 19.14
N LEU A 355 6.17 0.61 19.27
CA LEU A 355 5.77 2.02 19.37
C LEU A 355 6.14 2.65 20.71
N ALA A 356 6.22 1.83 21.76
CA ALA A 356 6.35 2.33 23.14
C ALA A 356 7.55 3.27 23.31
N ARG A 357 8.65 3.00 22.60
CA ARG A 357 9.86 3.81 22.79
C ARG A 357 9.70 5.26 22.33
N TYR A 358 8.66 5.52 21.56
CA TYR A 358 8.38 6.87 21.06
C TYR A 358 7.42 7.63 21.98
N LEU A 359 6.88 6.95 22.98
CA LEU A 359 5.74 7.48 23.71
C LEU A 359 6.08 7.89 25.16
N ASN A 360 7.36 8.06 25.46
CA ASN A 360 7.79 8.60 26.76
C ASN A 360 7.74 10.12 26.81
N GLY A 361 7.94 10.67 28.01
CA GLY A 361 7.99 12.11 28.15
C GLY A 361 6.66 12.64 28.61
N ASP A 362 6.59 13.95 28.83
CA ASP A 362 5.43 14.55 29.45
C ASP A 362 4.53 15.20 28.40
N ASN A 363 4.89 15.02 27.12
CA ASN A 363 4.20 15.78 26.07
C ASN A 363 3.49 14.88 25.07
N VAL A 364 3.01 13.72 25.56
CA VAL A 364 2.26 12.78 24.72
C VAL A 364 0.96 12.35 25.39
N ARG A 365 -0.13 12.37 24.62
CA ARG A 365 -1.39 11.76 25.03
C ARG A 365 -1.88 10.79 23.96
N LEU A 366 -2.46 9.67 24.38
CA LEU A 366 -2.95 8.67 23.43
C LEU A 366 -4.45 8.61 23.51
N TYR A 367 -5.08 8.53 22.34
CA TYR A 367 -6.52 8.33 22.27
C TYR A 367 -6.75 7.10 21.38
N CYS A 368 -7.25 6.03 22.00
CA CYS A 368 -7.22 4.70 21.39
C CYS A 368 -8.64 4.20 21.17
N PHE A 369 -8.91 3.69 19.97
CA PHE A 369 -10.28 3.32 19.61
C PHE A 369 -10.32 2.06 18.74
N GLY A 370 -11.52 1.66 18.35
CA GLY A 370 -11.66 0.52 17.44
C GLY A 370 -11.44 -0.84 18.10
N ARG A 371 -11.35 -1.89 17.28
CA ARG A 371 -11.31 -3.26 17.78
C ARG A 371 -10.20 -3.45 18.80
N ASP A 372 -9.02 -2.89 18.53
CA ASP A 372 -7.86 -3.17 19.33
C ASP A 372 -7.49 -1.99 20.24
N GLY A 373 -8.45 -1.11 20.50
CA GLY A 373 -8.19 0.06 21.32
C GLY A 373 -7.55 -0.26 22.66
N ALA A 374 -8.02 -1.31 23.32
CA ALA A 374 -7.50 -1.61 24.65
C ALA A 374 -6.02 -2.02 24.62
N GLN A 375 -5.62 -2.76 23.60
CA GLN A 375 -4.23 -3.21 23.45
C GLN A 375 -3.33 -2.00 23.20
N LEU A 376 -3.87 -1.01 22.50
CA LEU A 376 -3.08 0.19 22.21
C LEU A 376 -2.95 1.08 23.44
N ALA A 377 -4.03 1.23 24.19
CA ALA A 377 -3.93 2.02 25.43
C ALA A 377 -2.90 1.42 26.36
N ALA A 378 -2.80 0.10 26.34
CA ALA A 378 -1.89 -0.61 27.23
C ALA A 378 -0.41 -0.26 27.02
N LEU A 379 -0.09 0.37 25.90
CA LEU A 379 1.28 0.79 25.63
C LEU A 379 1.77 1.74 26.72
N ARG A 380 0.88 2.62 27.19
CA ARG A 380 1.21 3.54 28.27
C ARG A 380 -0.07 4.06 28.89
N PRO A 381 -0.67 3.27 29.81
CA PRO A 381 -2.02 3.49 30.34
C PRO A 381 -2.16 4.86 30.98
N GLU A 382 -1.10 5.36 31.59
CA GLU A 382 -1.16 6.63 32.34
C GLU A 382 -1.40 7.86 31.48
N VAL A 383 -1.08 7.79 30.20
CA VAL A 383 -1.39 8.90 29.31
C VAL A 383 -2.42 8.55 28.24
N ALA A 384 -3.13 7.44 28.46
CA ALA A 384 -4.06 6.94 27.46
C ALA A 384 -5.53 7.05 27.85
N GLU A 385 -6.36 7.29 26.84
CA GLU A 385 -7.82 7.20 26.95
C GLU A 385 -8.31 6.23 25.87
N GLN A 386 -9.36 5.49 26.17
CA GLN A 386 -9.96 4.55 25.22
C GLN A 386 -11.41 4.93 24.92
N THR A 387 -11.77 4.90 23.64
CA THR A 387 -13.16 5.11 23.23
C THR A 387 -13.55 4.04 22.21
N GLU A 388 -14.85 3.95 21.91
CA GLU A 388 -15.29 3.03 20.88
C GLU A 388 -14.85 3.50 19.50
N THR A 389 -15.13 4.77 19.19
CA THR A 389 -14.93 5.31 17.85
C THR A 389 -13.89 6.42 17.76
N MET A 390 -13.45 6.66 16.54
CA MET A 390 -12.57 7.78 16.25
C MET A 390 -13.25 9.11 16.53
N GLU A 391 -14.53 9.22 16.17
CA GLU A 391 -15.23 10.49 16.46
C GLU A 391 -15.26 10.79 17.95
N GLN A 392 -15.55 9.77 18.77
CA GLN A 392 -15.51 9.96 20.22
C GLN A 392 -14.14 10.39 20.70
N ALA A 393 -13.09 9.78 20.16
CA ALA A 393 -11.73 10.15 20.55
C ALA A 393 -11.44 11.61 20.19
N MET A 394 -11.86 12.06 19.00
CA MET A 394 -11.63 13.44 18.57
CA MET A 394 -11.58 13.43 18.62
C MET A 394 -12.35 14.43 19.47
N ARG A 395 -13.59 14.10 19.82
CA ARG A 395 -14.35 15.01 20.65
C ARG A 395 -13.84 15.05 22.09
N LEU A 396 -13.19 13.97 22.51
CA LEU A 396 -12.54 13.91 23.81
C LEU A 396 -11.27 14.77 23.84
N LEU A 397 -10.48 14.70 22.77
CA LEU A 397 -9.17 15.35 22.76
C LEU A 397 -9.28 16.84 22.46
N ALA A 398 -10.28 17.21 21.68
CA ALA A 398 -10.28 18.57 21.14
C ALA A 398 -10.29 19.70 22.20
N PRO A 399 -11.10 19.54 23.26
CA PRO A 399 -11.08 20.60 24.30
C PRO A 399 -9.71 20.77 24.96
N ARG A 400 -8.87 19.74 24.90
CA ARG A 400 -7.57 19.77 25.54
C ARG A 400 -6.45 20.39 24.71
N VAL A 401 -6.70 20.58 23.42
CA VAL A 401 -5.65 21.04 22.50
C VAL A 401 -5.27 22.50 22.78
N GLN A 402 -3.97 22.77 22.87
CA GLN A 402 -3.47 24.11 23.14
C GLN A 402 -2.65 24.56 21.93
N PRO A 403 -2.42 25.87 21.80
CA PRO A 403 -1.51 26.31 20.72
C PRO A 403 -0.12 25.73 20.89
N GLY A 404 0.45 25.28 19.77
CA GLY A 404 1.71 24.53 19.77
C GLY A 404 1.55 23.02 19.68
N ASP A 405 0.34 22.53 19.95
CA ASP A 405 0.10 21.08 19.94
C ASP A 405 -0.02 20.54 18.51
N MET A 406 0.08 19.21 18.39
CA MET A 406 -0.22 18.49 17.14
C MET A 406 -1.26 17.43 17.42
N VAL A 407 -2.27 17.34 16.55
CA VAL A 407 -3.19 16.19 16.56
C VAL A 407 -2.88 15.27 15.38
N LEU A 408 -2.49 14.03 15.65
CA LEU A 408 -1.96 13.13 14.63
C LEU A 408 -2.77 11.84 14.58
N LEU A 409 -3.49 11.63 13.47
CA LEU A 409 -4.12 10.32 13.23
C LEU A 409 -3.10 9.45 12.48
N SER A 410 -2.47 8.53 13.20
CA SER A 410 -1.53 7.59 12.58
C SER A 410 -1.73 6.22 13.23
N PRO A 411 -2.75 5.50 12.80
CA PRO A 411 -3.45 4.62 13.76
C PRO A 411 -2.84 3.25 13.92
N ALA A 412 -1.89 2.88 13.07
CA ALA A 412 -1.12 1.64 13.17
C ALA A 412 -1.90 0.37 12.90
N CYS A 413 -3.09 0.55 12.30
CA CYS A 413 -4.10 -0.49 12.18
C CYS A 413 -4.88 -0.32 10.88
N ALA A 414 -5.46 -1.42 10.39
CA ALA A 414 -6.48 -1.31 9.37
C ALA A 414 -7.74 -0.64 9.90
N SER A 415 -8.53 -0.09 8.96
CA SER A 415 -9.73 0.67 9.31
C SER A 415 -10.99 -0.19 9.13
N LEU A 416 -10.82 -1.44 8.71
CA LEU A 416 -11.94 -2.17 8.10
C LEU A 416 -12.99 -2.64 9.12
N ASP A 417 -12.65 -2.61 10.41
CA ASP A 417 -13.63 -2.89 11.46
C ASP A 417 -14.78 -1.87 11.54
N GLN A 418 -14.46 -0.60 11.24
CA GLN A 418 -15.43 0.49 11.40
C GLN A 418 -15.64 1.36 10.16
N PHE A 419 -14.77 1.21 9.16
CA PHE A 419 -14.81 2.05 7.97
C PHE A 419 -14.79 1.19 6.72
N LYS A 420 -15.08 1.84 5.59
CA LYS A 420 -14.98 1.20 4.27
C LYS A 420 -13.50 0.97 3.89
N ASN A 421 -12.67 1.92 4.26
CA ASN A 421 -11.25 1.90 3.89
C ASN A 421 -10.53 3.05 4.59
N PHE A 422 -9.20 3.08 4.48
CA PHE A 422 -8.45 4.12 5.20
C PHE A 422 -8.70 5.52 4.65
N GLU A 423 -9.12 5.62 3.38
CA GLU A 423 -9.50 6.92 2.83
C GLU A 423 -10.71 7.50 3.54
N GLN A 424 -11.71 6.66 3.78
CA GLN A 424 -12.91 7.12 4.48
C GLN A 424 -12.56 7.57 5.90
N ARG A 425 -11.76 6.76 6.59
CA ARG A 425 -11.27 7.15 7.91
C ARG A 425 -10.53 8.49 7.90
N GLY A 426 -9.67 8.72 6.91
CA GLY A 426 -8.96 9.98 6.75
C GLY A 426 -9.90 11.13 6.47
N ASN A 427 -10.87 10.92 5.59
CA ASN A 427 -11.82 11.98 5.26
C ASN A 427 -12.68 12.37 6.46
N GLU A 428 -13.07 11.39 7.26
CA GLU A 428 -13.85 11.66 8.47
CA GLU A 428 -13.86 11.68 8.45
C GLU A 428 -13.02 12.45 9.47
N PHE A 429 -11.77 12.04 9.64
CA PHE A 429 -10.84 12.80 10.47
C PHE A 429 -10.76 14.27 10.03
N ALA A 430 -10.61 14.48 8.72
CA ALA A 430 -10.45 15.84 8.22
C ALA A 430 -11.69 16.68 8.46
N ARG A 431 -12.88 16.09 8.24
CA ARG A 431 -14.13 16.78 8.51
CA ARG A 431 -14.15 16.76 8.51
C ARG A 431 -14.20 17.20 9.98
N LEU A 432 -13.88 16.26 10.88
CA LEU A 432 -13.95 16.53 12.33
C LEU A 432 -12.88 17.54 12.77
N ALA A 433 -11.69 17.49 12.15
CA ALA A 433 -10.62 18.46 12.47
C ALA A 433 -11.09 19.88 12.15
N LYS A 434 -11.74 20.03 11.01
CA LYS A 434 -12.20 21.35 10.58
C LYS A 434 -13.32 21.87 11.49
N GLU A 435 -14.20 20.98 11.91
CA GLU A 435 -15.22 21.36 12.88
C GLU A 435 -14.63 21.74 14.24
N LEU A 436 -13.77 20.89 14.78
CA LEU A 436 -13.27 21.06 16.13
C LEU A 436 -12.08 22.02 16.22
N GLY A 437 -11.47 22.35 15.10
CA GLY A 437 -10.21 23.10 15.10
C GLY A 437 -10.34 24.60 14.83
N SER A 438 -11.56 25.09 14.68
CA SER A 438 -11.79 26.54 14.59
C SER A 438 -12.96 26.94 15.48
N HIS A 439 -13.04 28.23 15.82
CA HIS A 439 -14.15 28.72 16.64
C HIS A 439 -15.38 28.91 15.78
#